data_4G09
#
_entry.id   4G09
#
_cell.length_a   76.654
_cell.length_b   105.072
_cell.length_c   111.250
_cell.angle_alpha   90.00
_cell.angle_beta   90.00
_cell.angle_gamma   90.00
#
_symmetry.space_group_name_H-M   'C 2 2 21'
#
loop_
_entity.id
_entity.type
_entity.pdbx_description
1 polymer 'Histidinol dehydrogenase'
2 non-polymer 'ZINC ION'
3 non-polymer GLYCEROL
4 non-polymer 'DIMETHYL SULFOXIDE'
5 non-polymer (3S)-3-amino-1-[4-(benzyloxy)phenyl]-4-(1H-imidazol-4-yl)butan-2-one
6 water water
#
_entity_poly.entity_id   1
_entity_poly.type   'polypeptide(L)'
_entity_poly.pdbx_seq_one_letter_code
;MVTTLRQTDPDFEQKFAAFLSGKREVSEDVDRAVREIVDRVRREGDSALLDYSRRFDRIDLEKTGIAVTEAEIDAAFDAA
PASTVEALKLARDRIEKHHARQLPKDDRYTDALGVELGSRWTAIEAVGLYVPGGTASYPSSVLMNAMPAKVAGVDRIVMV
VPAPDGNLNPLVLVAARLAGVSEIYRVGGAQAIAALAYGTETIRPVAKIVGPGNAYVAAAKRIVFGTVGIDMIAGPSEVL
IVADKDNNPDWIAADLLAQAEHDTAAQSILMTNDEAFAHAVEEAVERQLHTLARTETASASWRDFGAVILVKDFEDAIPL
ANRIAAEHLEIAVADAEAFVPRIRNAGSIFIGGYTPEVIGDYVGGSNHVLPTARSARFSSGLSVLDYMKRTSLLKLGSEQ
LRALGPAAIEIARAEGLDAHAQSVAIRLNLLEHHHHHH
;
_entity_poly.pdbx_strand_id   A
#
# COMPACT_ATOMS: atom_id res chain seq x y z
N VAL A 2 -28.46 -10.03 6.35
CA VAL A 2 -27.64 -8.77 6.32
C VAL A 2 -28.04 -7.90 5.13
N THR A 3 -27.52 -6.68 5.07
CA THR A 3 -27.83 -5.75 3.99
C THR A 3 -27.84 -6.37 2.59
N THR A 4 -28.98 -6.32 1.93
CA THR A 4 -29.11 -6.87 0.59
C THR A 4 -29.60 -5.84 -0.41
N LEU A 5 -28.85 -5.67 -1.50
CA LEU A 5 -29.22 -4.74 -2.55
C LEU A 5 -29.64 -5.56 -3.77
N ARG A 6 -30.69 -5.12 -4.44
CA ARG A 6 -31.21 -5.81 -5.62
C ARG A 6 -31.16 -4.89 -6.80
N GLN A 7 -30.41 -5.28 -7.81
CA GLN A 7 -30.28 -4.45 -8.99
C GLN A 7 -31.65 -4.25 -9.66
N THR A 8 -32.58 -5.15 -9.33
CA THR A 8 -33.95 -5.06 -9.85
C THR A 8 -34.48 -3.67 -9.46
N ASP A 9 -34.58 -3.48 -8.14
CA ASP A 9 -35.05 -2.25 -7.49
C ASP A 9 -34.93 -0.95 -8.25
N PRO A 10 -36.06 -0.26 -8.44
CA PRO A 10 -36.04 1.02 -9.16
C PRO A 10 -35.19 2.02 -8.39
N ASP A 11 -34.99 1.75 -7.10
CA ASP A 11 -34.18 2.65 -6.28
C ASP A 11 -32.78 2.04 -6.03
N PHE A 12 -32.45 0.97 -6.76
CA PHE A 12 -31.15 0.33 -6.60
C PHE A 12 -29.98 1.29 -6.74
N GLU A 13 -29.96 2.05 -7.83
CA GLU A 13 -28.85 2.97 -8.06
C GLU A 13 -28.65 3.94 -6.90
N GLN A 14 -29.73 4.56 -6.44
CA GLN A 14 -29.60 5.48 -5.33
C GLN A 14 -29.06 4.79 -4.08
N LYS A 15 -29.58 3.62 -3.78
CA LYS A 15 -29.14 2.86 -2.62
C LYS A 15 -27.69 2.41 -2.77
N PHE A 16 -27.35 1.93 -3.96
CA PHE A 16 -25.99 1.46 -4.24
C PHE A 16 -24.99 2.61 -4.08
N ALA A 17 -25.29 3.75 -4.69
CA ALA A 17 -24.42 4.91 -4.58
C ALA A 17 -24.26 5.34 -3.13
N ALA A 18 -25.31 5.20 -2.34
CA ALA A 18 -25.25 5.59 -0.93
C ALA A 18 -24.37 4.59 -0.19
N PHE A 19 -24.55 3.32 -0.53
CA PHE A 19 -23.78 2.23 0.06
C PHE A 19 -22.28 2.45 -0.19
N LEU A 20 -21.93 2.98 -1.36
CA LEU A 20 -20.54 3.23 -1.72
C LEU A 20 -19.92 4.45 -1.06
N SER A 21 -20.74 5.36 -0.54
CA SER A 21 -20.21 6.56 0.08
C SER A 21 -19.70 6.27 1.49
N GLY A 22 -18.79 7.11 1.95
CA GLY A 22 -18.22 6.94 3.28
C GLY A 22 -16.76 6.53 3.20
N GLU A 28 -11.43 14.04 14.14
CA GLU A 28 -11.43 15.14 13.17
C GLU A 28 -10.46 16.24 13.61
N ASP A 29 -10.57 16.64 14.86
CA ASP A 29 -9.72 17.69 15.42
C ASP A 29 -8.35 17.09 15.71
N VAL A 30 -8.19 15.83 15.35
CA VAL A 30 -6.92 15.14 15.52
C VAL A 30 -5.89 15.95 14.76
N ASP A 31 -6.32 16.57 13.66
CA ASP A 31 -5.46 17.39 12.83
C ASP A 31 -4.67 18.37 13.68
N ARG A 32 -5.39 19.22 14.40
CA ARG A 32 -4.78 20.23 15.24
C ARG A 32 -3.71 19.62 16.15
N ALA A 33 -4.05 18.52 16.82
CA ALA A 33 -3.14 17.84 17.73
C ALA A 33 -1.90 17.29 17.01
N VAL A 34 -2.13 16.67 15.86
CA VAL A 34 -1.04 16.08 15.10
C VAL A 34 -0.10 17.16 14.58
N ARG A 35 -0.67 18.27 14.12
CA ARG A 35 0.12 19.36 13.61
C ARG A 35 1.12 19.81 14.69
N GLU A 36 0.65 19.93 15.93
CA GLU A 36 1.55 20.33 16.99
C GLU A 36 2.60 19.29 17.33
N ILE A 37 2.19 18.02 17.37
CA ILE A 37 3.11 16.93 17.66
C ILE A 37 4.24 16.90 16.61
N VAL A 38 3.84 16.91 15.34
CA VAL A 38 4.80 16.87 14.24
C VAL A 38 5.78 18.06 14.29
N ASP A 39 5.25 19.27 14.48
CA ASP A 39 6.09 20.46 14.55
C ASP A 39 7.07 20.41 15.74
N ARG A 40 6.59 19.97 16.89
CA ARG A 40 7.44 19.86 18.07
C ARG A 40 8.55 18.84 17.89
N VAL A 41 8.23 17.68 17.32
CA VAL A 41 9.27 16.68 17.09
C VAL A 41 10.29 17.25 16.10
N ARG A 42 9.79 17.97 15.10
CA ARG A 42 10.64 18.57 14.08
C ARG A 42 11.61 19.54 14.74
N ARG A 43 11.06 20.47 15.51
CA ARG A 43 11.84 21.49 16.21
C ARG A 43 12.66 21.02 17.41
N GLU A 44 12.18 20.00 18.13
CA GLU A 44 12.88 19.54 19.34
C GLU A 44 13.59 18.19 19.34
N GLY A 45 13.28 17.30 18.40
CA GLY A 45 13.98 16.02 18.36
C GLY A 45 13.68 14.94 19.38
N ASP A 46 14.70 14.15 19.72
CA ASP A 46 14.59 13.04 20.67
C ASP A 46 13.81 13.39 21.92
N SER A 47 14.06 14.62 22.40
CA SER A 47 13.42 15.14 23.58
C SER A 47 11.90 15.02 23.46
N ALA A 48 11.36 15.46 22.33
CA ALA A 48 9.91 15.41 22.09
C ALA A 48 9.40 13.99 21.84
N LEU A 49 10.25 13.15 21.25
CA LEU A 49 9.91 11.75 20.97
C LEU A 49 9.60 11.01 22.26
N LEU A 50 10.51 11.11 23.23
CA LEU A 50 10.33 10.45 24.52
C LEU A 50 9.08 10.99 25.19
N ASP A 51 8.94 12.31 25.18
CA ASP A 51 7.78 12.98 25.77
C ASP A 51 6.51 12.31 25.24
N TYR A 52 6.32 12.37 23.92
CA TYR A 52 5.14 11.77 23.33
C TYR A 52 5.05 10.27 23.53
N SER A 53 6.19 9.59 23.62
CA SER A 53 6.14 8.16 23.82
C SER A 53 5.61 7.82 25.22
N ARG A 54 6.03 8.58 26.23
CA ARG A 54 5.54 8.33 27.60
C ARG A 54 4.03 8.60 27.60
N ARG A 55 3.68 9.74 27.05
CA ARG A 55 2.31 10.18 26.97
C ARG A 55 1.36 9.18 26.29
N PHE A 56 1.79 8.58 25.17
CA PHE A 56 0.93 7.67 24.43
C PHE A 56 1.20 6.17 24.53
N ASP A 57 2.43 5.79 24.85
CA ASP A 57 2.77 4.37 24.93
C ASP A 57 3.11 3.95 26.35
N ARG A 58 3.03 4.90 27.30
CA ARG A 58 3.36 4.62 28.70
C ARG A 58 4.68 3.88 28.78
N ILE A 59 5.66 4.37 28.05
CA ILE A 59 6.98 3.77 28.01
C ILE A 59 8.03 4.83 28.32
N ASP A 60 9.14 4.42 28.90
CA ASP A 60 10.23 5.33 29.23
C ASP A 60 11.44 4.92 28.41
N LEU A 61 11.55 5.50 27.22
CA LEU A 61 12.64 5.16 26.30
C LEU A 61 14.04 5.49 26.81
N GLU A 62 14.16 6.37 27.80
CA GLU A 62 15.48 6.70 28.34
C GLU A 62 16.07 5.46 29.02
N LYS A 63 15.20 4.54 29.40
CA LYS A 63 15.61 3.29 30.06
C LYS A 63 15.62 2.11 29.10
N THR A 64 14.55 1.95 28.32
CA THR A 64 14.44 0.86 27.37
C THR A 64 15.32 1.11 26.15
N GLY A 65 15.63 2.39 25.91
CA GLY A 65 16.42 2.76 24.74
C GLY A 65 15.45 2.87 23.57
N ILE A 66 15.77 3.74 22.60
CA ILE A 66 14.89 3.90 21.45
C ILE A 66 15.09 2.78 20.44
N ALA A 67 16.35 2.45 20.17
CA ALA A 67 16.65 1.40 19.22
C ALA A 67 16.59 0.02 19.85
N VAL A 68 16.02 -0.92 19.10
CA VAL A 68 15.92 -2.32 19.54
C VAL A 68 17.29 -2.87 19.20
N THR A 69 17.87 -3.70 20.06
CA THR A 69 19.20 -4.23 19.79
C THR A 69 19.20 -5.55 19.07
N GLU A 70 20.33 -5.88 18.44
CA GLU A 70 20.44 -7.15 17.74
C GLU A 70 20.27 -8.25 18.76
N ALA A 71 20.66 -7.95 19.99
CA ALA A 71 20.53 -8.91 21.08
C ALA A 71 19.05 -9.17 21.33
N GLU A 72 18.23 -8.13 21.32
CA GLU A 72 16.81 -8.28 21.54
C GLU A 72 16.15 -9.02 20.37
N ILE A 73 16.72 -8.85 19.17
CA ILE A 73 16.20 -9.51 17.98
C ILE A 73 16.58 -11.00 18.03
N ASP A 74 17.80 -11.28 18.47
CA ASP A 74 18.26 -12.67 18.59
C ASP A 74 17.37 -13.49 19.51
N ALA A 75 17.01 -12.90 20.65
CA ALA A 75 16.15 -13.55 21.63
C ALA A 75 14.74 -13.79 21.10
N ALA A 76 14.27 -12.92 20.21
CA ALA A 76 12.94 -13.09 19.64
C ALA A 76 12.92 -14.35 18.78
N PHE A 77 14.01 -14.60 18.07
CA PHE A 77 14.11 -15.80 17.24
C PHE A 77 14.02 -17.06 18.09
N ASP A 78 14.76 -17.08 19.19
CA ASP A 78 14.78 -18.24 20.08
C ASP A 78 13.37 -18.59 20.56
N ALA A 79 12.67 -17.59 21.08
CA ALA A 79 11.32 -17.78 21.61
C ALA A 79 10.27 -18.27 20.60
N ALA A 80 10.53 -18.06 19.32
CA ALA A 80 9.58 -18.44 18.29
C ALA A 80 9.55 -19.93 17.91
N PRO A 81 8.35 -20.50 17.77
CA PRO A 81 8.20 -21.92 17.40
C PRO A 81 8.89 -22.14 16.06
N ALA A 82 9.57 -23.27 15.92
CA ALA A 82 10.26 -23.57 14.68
C ALA A 82 9.36 -23.49 13.45
N SER A 83 8.15 -24.02 13.56
CA SER A 83 7.26 -23.99 12.40
C SER A 83 6.82 -22.57 12.05
N THR A 84 6.85 -21.66 13.02
CA THR A 84 6.43 -20.29 12.74
C THR A 84 7.56 -19.58 11.97
N VAL A 85 8.81 -19.80 12.41
CA VAL A 85 9.95 -19.20 11.75
C VAL A 85 10.08 -19.74 10.32
N GLU A 86 9.84 -21.04 10.15
CA GLU A 86 9.91 -21.66 8.83
C GLU A 86 8.81 -21.18 7.87
N ALA A 87 7.60 -21.02 8.42
CA ALA A 87 6.50 -20.52 7.61
C ALA A 87 6.83 -19.08 7.15
N LEU A 88 7.37 -18.27 8.07
CA LEU A 88 7.76 -16.90 7.73
C LEU A 88 8.86 -16.89 6.68
N LYS A 89 9.79 -17.85 6.76
CA LYS A 89 10.84 -17.91 5.76
C LYS A 89 10.26 -18.31 4.41
N LEU A 90 9.33 -19.26 4.38
CA LEU A 90 8.71 -19.63 3.12
C LEU A 90 8.02 -18.40 2.52
N ALA A 91 7.29 -17.64 3.35
CA ALA A 91 6.61 -16.45 2.84
C ALA A 91 7.64 -15.45 2.31
N ARG A 92 8.68 -15.19 3.09
CA ARG A 92 9.72 -14.27 2.66
C ARG A 92 10.27 -14.66 1.29
N ASP A 93 10.62 -15.94 1.13
CA ASP A 93 11.16 -16.41 -0.14
C ASP A 93 10.19 -16.26 -1.31
N ARG A 94 8.92 -16.58 -1.09
CA ARG A 94 7.95 -16.47 -2.17
C ARG A 94 7.69 -15.01 -2.56
N ILE A 95 7.65 -14.13 -1.57
CA ILE A 95 7.43 -12.71 -1.81
C ILE A 95 8.62 -12.12 -2.57
N GLU A 96 9.83 -12.50 -2.15
CA GLU A 96 11.03 -12.02 -2.82
C GLU A 96 11.12 -12.43 -4.30
N LYS A 97 10.87 -13.70 -4.56
CA LYS A 97 10.95 -14.21 -5.94
C LYS A 97 9.96 -13.48 -6.83
N HIS A 98 8.74 -13.36 -6.36
CA HIS A 98 7.73 -12.67 -7.12
C HIS A 98 8.07 -11.19 -7.36
N HIS A 99 8.49 -10.48 -6.32
CA HIS A 99 8.81 -9.06 -6.53
C HIS A 99 10.02 -8.86 -7.42
N ALA A 100 10.99 -9.77 -7.35
CA ALA A 100 12.20 -9.66 -8.19
C ALA A 100 11.80 -9.56 -9.66
N ARG A 101 10.78 -10.30 -10.06
CA ARG A 101 10.32 -10.29 -11.45
C ARG A 101 9.82 -8.93 -11.90
N GLN A 102 9.43 -8.07 -10.95
CA GLN A 102 8.88 -6.78 -11.33
C GLN A 102 9.91 -5.65 -11.41
N LEU A 103 11.18 -5.95 -11.16
CA LEU A 103 12.22 -4.92 -11.22
C LEU A 103 12.19 -4.24 -12.59
N PRO A 104 12.24 -2.91 -12.61
CA PRO A 104 12.22 -2.17 -13.87
C PRO A 104 13.53 -2.27 -14.64
N LYS A 105 13.43 -2.17 -15.97
CA LYS A 105 14.62 -2.23 -16.82
C LYS A 105 14.85 -0.82 -17.35
N ASP A 106 16.11 -0.37 -17.37
CA ASP A 106 16.40 0.97 -17.90
C ASP A 106 16.17 0.94 -19.42
N ASP A 107 15.99 2.11 -20.03
CA ASP A 107 15.74 2.21 -21.48
C ASP A 107 16.46 3.41 -22.09
N ARG A 108 17.60 3.16 -22.74
CA ARG A 108 18.39 4.20 -23.40
C ARG A 108 18.37 3.95 -24.91
N TYR A 109 18.01 4.97 -25.69
CA TYR A 109 17.91 4.79 -27.14
C TYR A 109 18.15 6.08 -27.91
N THR A 110 18.22 5.96 -29.22
CA THR A 110 18.46 7.10 -30.09
C THR A 110 17.31 7.14 -31.10
N ASP A 111 16.66 8.30 -31.23
CA ASP A 111 15.55 8.38 -32.17
C ASP A 111 16.03 8.73 -33.57
N ALA A 112 15.08 8.85 -34.49
CA ALA A 112 15.36 9.17 -35.89
C ALA A 112 16.16 10.44 -36.15
N LEU A 113 16.01 11.43 -35.27
CA LEU A 113 16.74 12.69 -35.39
C LEU A 113 18.12 12.58 -34.76
N GLY A 114 18.35 11.48 -34.04
CA GLY A 114 19.65 11.30 -33.39
C GLY A 114 19.66 11.78 -31.94
N VAL A 115 18.50 12.14 -31.41
CA VAL A 115 18.41 12.57 -30.01
C VAL A 115 18.54 11.32 -29.15
N GLU A 116 19.34 11.41 -28.08
CA GLU A 116 19.51 10.28 -27.19
C GLU A 116 18.57 10.49 -25.99
N LEU A 117 17.66 9.54 -25.82
CA LEU A 117 16.63 9.59 -24.76
C LEU A 117 16.86 8.40 -23.85
N GLY A 118 16.72 8.61 -22.55
CA GLY A 118 16.96 7.53 -21.62
C GLY A 118 16.03 7.55 -20.43
N SER A 119 15.83 6.37 -19.85
CA SER A 119 14.98 6.21 -18.69
C SER A 119 15.81 5.31 -17.80
N ARG A 120 16.17 5.80 -16.62
CA ARG A 120 16.99 5.03 -15.70
C ARG A 120 16.34 4.96 -14.32
N TRP A 121 16.44 3.79 -13.68
CA TRP A 121 15.84 3.58 -12.37
C TRP A 121 16.86 3.35 -11.27
N THR A 122 16.60 3.95 -10.11
CA THR A 122 17.47 3.79 -8.97
C THR A 122 16.60 3.55 -7.75
N ALA A 123 17.18 2.89 -6.76
CA ALA A 123 16.45 2.63 -5.53
C ALA A 123 16.45 3.88 -4.66
N ILE A 124 15.39 4.06 -3.88
CA ILE A 124 15.32 5.17 -2.95
C ILE A 124 16.37 4.80 -1.89
N GLU A 125 17.13 5.78 -1.41
CA GLU A 125 18.22 5.49 -0.49
C GLU A 125 17.85 4.97 0.88
N ALA A 126 16.78 5.52 1.44
CA ALA A 126 16.36 5.09 2.74
C ALA A 126 14.85 5.18 2.84
N VAL A 127 14.25 4.15 3.44
CA VAL A 127 12.82 4.13 3.62
C VAL A 127 12.47 3.69 5.05
N GLY A 128 11.38 4.24 5.58
CA GLY A 128 10.94 3.86 6.90
C GLY A 128 9.61 3.13 6.78
N LEU A 129 9.45 2.04 7.52
CA LEU A 129 8.22 1.26 7.50
C LEU A 129 7.53 1.45 8.84
N TYR A 130 6.26 1.85 8.81
CA TYR A 130 5.53 2.03 10.05
C TYR A 130 4.73 0.76 10.31
N VAL A 131 4.92 0.18 11.49
CA VAL A 131 4.24 -1.03 11.87
C VAL A 131 3.49 -0.80 13.19
N PRO A 132 2.16 -0.86 13.17
CA PRO A 132 1.38 -0.65 14.40
C PRO A 132 1.87 -1.58 15.50
N GLY A 133 1.63 -1.20 16.76
CA GLY A 133 2.05 -2.05 17.86
C GLY A 133 0.90 -2.83 18.46
N GLY A 134 1.17 -3.49 19.57
CA GLY A 134 0.14 -4.26 20.23
C GLY A 134 -0.38 -5.44 19.42
N THR A 135 -1.70 -5.64 19.43
CA THR A 135 -2.33 -6.74 18.73
C THR A 135 -2.37 -6.60 17.21
N ALA A 136 -2.40 -5.36 16.74
CA ALA A 136 -2.44 -5.09 15.29
C ALA A 136 -1.05 -5.29 14.67
N SER A 137 -0.07 -5.69 15.49
CA SER A 137 1.31 -5.89 15.05
C SER A 137 1.50 -7.24 14.35
N TYR A 138 1.50 -7.23 13.02
CA TYR A 138 1.60 -8.47 12.22
C TYR A 138 2.93 -8.74 11.54
N PRO A 139 3.55 -9.90 11.82
CA PRO A 139 4.83 -10.17 11.15
C PRO A 139 4.64 -10.29 9.64
N SER A 140 3.47 -10.74 9.20
CA SER A 140 3.24 -10.87 7.75
C SER A 140 3.34 -9.50 7.09
N SER A 141 2.80 -8.49 7.75
CA SER A 141 2.87 -7.13 7.23
C SER A 141 4.32 -6.64 7.14
N VAL A 142 5.17 -7.04 8.08
CA VAL A 142 6.56 -6.62 8.03
C VAL A 142 7.21 -7.15 6.75
N LEU A 143 7.00 -8.43 6.47
CA LEU A 143 7.56 -9.02 5.25
C LEU A 143 7.04 -8.33 3.98
N MET A 144 5.74 -8.11 3.93
CA MET A 144 5.12 -7.47 2.76
C MET A 144 5.64 -6.05 2.51
N ASN A 145 5.85 -5.29 3.58
CA ASN A 145 6.33 -3.92 3.46
C ASN A 145 7.83 -3.81 3.24
N ALA A 146 8.59 -4.69 3.87
CA ALA A 146 10.05 -4.64 3.78
C ALA A 146 10.71 -5.38 2.63
N MET A 147 10.16 -6.52 2.25
CA MET A 147 10.79 -7.29 1.19
C MET A 147 10.91 -6.56 -0.16
N PRO A 148 9.86 -5.83 -0.59
CA PRO A 148 10.01 -5.13 -1.87
C PRO A 148 11.14 -4.12 -1.82
N ALA A 149 11.34 -3.48 -0.66
CA ALA A 149 12.40 -2.49 -0.52
C ALA A 149 13.75 -3.17 -0.66
N LYS A 150 13.87 -4.33 -0.02
CA LYS A 150 15.09 -5.08 -0.06
C LYS A 150 15.34 -5.52 -1.51
N VAL A 151 14.30 -5.99 -2.18
CA VAL A 151 14.44 -6.43 -3.57
C VAL A 151 14.83 -5.27 -4.48
N ALA A 152 14.22 -4.11 -4.24
CA ALA A 152 14.51 -2.90 -5.00
C ALA A 152 15.95 -2.40 -4.81
N GLY A 153 16.59 -2.79 -3.71
CA GLY A 153 17.95 -2.33 -3.48
C GLY A 153 18.05 -1.11 -2.57
N VAL A 154 17.03 -0.88 -1.76
CA VAL A 154 17.05 0.25 -0.85
C VAL A 154 18.20 0.03 0.11
N ASP A 155 19.08 1.02 0.21
CA ASP A 155 20.27 0.96 1.05
C ASP A 155 19.99 0.85 2.57
N ARG A 156 19.04 1.64 3.04
CA ARG A 156 18.72 1.70 4.47
C ARG A 156 17.22 1.54 4.69
N ILE A 157 16.84 0.45 5.35
CA ILE A 157 15.42 0.17 5.62
C ILE A 157 15.20 0.23 7.14
N VAL A 158 14.38 1.18 7.55
CA VAL A 158 14.09 1.41 8.98
C VAL A 158 12.66 1.06 9.33
N MET A 159 12.49 0.49 10.51
CA MET A 159 11.14 0.19 10.96
C MET A 159 10.90 0.88 12.29
N VAL A 160 9.71 1.44 12.44
CA VAL A 160 9.34 2.06 13.70
C VAL A 160 8.10 1.27 14.09
N VAL A 161 8.10 0.80 15.33
CA VAL A 161 6.98 0.03 15.84
C VAL A 161 6.85 0.39 17.33
N PRO A 162 5.72 0.99 17.71
CA PRO A 162 5.54 1.35 19.11
C PRO A 162 5.42 0.12 19.99
N ALA A 163 5.82 0.27 21.24
CA ALA A 163 5.79 -0.82 22.22
C ALA A 163 4.97 -0.38 23.43
N PRO A 164 3.64 -0.29 23.25
CA PRO A 164 2.82 0.14 24.39
C PRO A 164 3.13 -0.68 25.65
N ASP A 165 3.32 0.03 26.75
CA ASP A 165 3.63 -0.57 28.04
C ASP A 165 4.92 -1.39 27.91
N GLY A 166 5.73 -1.04 26.91
CA GLY A 166 6.99 -1.73 26.69
C GLY A 166 6.90 -3.06 25.95
N ASN A 167 5.72 -3.42 25.48
CA ASN A 167 5.57 -4.71 24.78
C ASN A 167 5.64 -4.67 23.25
N LEU A 168 6.52 -5.51 22.69
CA LEU A 168 6.70 -5.65 21.24
C LEU A 168 6.38 -7.11 20.89
N ASN A 169 5.80 -7.33 19.72
CA ASN A 169 5.52 -8.70 19.27
C ASN A 169 6.86 -9.28 18.82
N PRO A 170 7.31 -10.37 19.46
CA PRO A 170 8.59 -10.92 19.03
C PRO A 170 8.65 -11.35 17.57
N LEU A 171 7.49 -11.74 17.01
CA LEU A 171 7.46 -12.20 15.63
C LEU A 171 7.71 -11.03 14.67
N VAL A 172 7.42 -9.82 15.12
CA VAL A 172 7.66 -8.65 14.27
C VAL A 172 9.17 -8.46 14.13
N LEU A 173 9.91 -8.71 15.21
CA LEU A 173 11.36 -8.60 15.20
C LEU A 173 11.96 -9.72 14.34
N VAL A 174 11.34 -10.90 14.41
CA VAL A 174 11.80 -12.04 13.61
C VAL A 174 11.62 -11.71 12.10
N ALA A 175 10.42 -11.24 11.74
CA ALA A 175 10.13 -10.89 10.35
C ALA A 175 11.07 -9.80 9.85
N ALA A 176 11.28 -8.79 10.67
CA ALA A 176 12.13 -7.66 10.31
C ALA A 176 13.50 -8.12 9.83
N ARG A 177 14.14 -8.99 10.60
CA ARG A 177 15.44 -9.49 10.22
C ARG A 177 15.34 -10.25 8.90
N LEU A 178 14.38 -11.16 8.81
CA LEU A 178 14.22 -11.96 7.59
C LEU A 178 14.05 -11.09 6.34
N ALA A 179 13.40 -9.95 6.50
CA ALA A 179 13.13 -9.06 5.37
C ALA A 179 14.16 -8.01 5.07
N GLY A 180 15.29 -8.06 5.77
CA GLY A 180 16.34 -7.08 5.52
C GLY A 180 16.17 -5.72 6.16
N VAL A 181 15.45 -5.64 7.28
CA VAL A 181 15.27 -4.36 7.97
C VAL A 181 16.58 -4.04 8.70
N SER A 182 17.09 -2.83 8.49
CA SER A 182 18.35 -2.41 9.13
C SER A 182 18.21 -1.91 10.55
N GLU A 183 17.35 -0.92 10.75
CA GLU A 183 17.18 -0.34 12.07
C GLU A 183 15.76 -0.47 12.53
N ILE A 184 15.59 -0.61 13.84
CA ILE A 184 14.26 -0.70 14.41
C ILE A 184 14.17 0.21 15.63
N TYR A 185 13.16 1.08 15.65
CA TYR A 185 12.96 2.00 16.76
C TYR A 185 11.59 1.77 17.39
N ARG A 186 11.58 1.76 18.73
CA ARG A 186 10.39 1.53 19.52
C ARG A 186 9.53 2.78 19.64
N VAL A 187 9.03 3.31 18.52
CA VAL A 187 8.21 4.52 18.60
C VAL A 187 7.12 4.41 17.55
N GLY A 188 6.03 5.15 17.75
CA GLY A 188 4.93 5.13 16.82
C GLY A 188 4.19 6.45 16.79
N GLY A 189 2.96 6.44 16.29
CA GLY A 189 2.16 7.64 16.23
C GLY A 189 2.66 8.75 15.31
N ALA A 190 2.07 9.93 15.46
CA ALA A 190 2.49 11.07 14.65
C ALA A 190 3.94 11.44 15.00
N GLN A 191 4.35 11.16 16.23
CA GLN A 191 5.72 11.50 16.62
C GLN A 191 6.75 10.68 15.83
N ALA A 192 6.48 9.38 15.61
CA ALA A 192 7.40 8.55 14.86
C ALA A 192 7.45 9.00 13.38
N ILE A 193 6.30 9.34 12.82
CA ILE A 193 6.25 9.78 11.42
C ILE A 193 7.08 11.05 11.31
N ALA A 194 6.92 11.96 12.27
CA ALA A 194 7.68 13.21 12.27
C ALA A 194 9.19 12.93 12.37
N ALA A 195 9.57 11.98 13.22
CA ALA A 195 10.99 11.63 13.39
C ALA A 195 11.59 11.08 12.09
N LEU A 196 10.81 10.26 11.39
CA LEU A 196 11.31 9.70 10.13
C LEU A 196 11.41 10.76 9.05
N ALA A 197 10.46 11.69 9.00
CA ALA A 197 10.46 12.71 7.96
C ALA A 197 11.48 13.81 8.19
N TYR A 198 11.60 14.26 9.43
CA TYR A 198 12.52 15.36 9.73
C TYR A 198 13.80 14.90 10.39
N GLY A 199 13.78 13.73 11.01
CA GLY A 199 14.97 13.21 11.67
C GLY A 199 15.17 13.75 13.08
N THR A 200 15.85 12.98 13.91
CA THR A 200 16.16 13.41 15.27
C THR A 200 17.62 13.01 15.49
N GLU A 201 18.15 13.26 16.67
CA GLU A 201 19.53 12.93 16.96
C GLU A 201 19.78 11.44 16.84
N THR A 202 18.76 10.64 17.18
CA THR A 202 18.90 9.19 17.13
C THR A 202 18.42 8.59 15.81
N ILE A 203 17.41 9.20 15.19
CA ILE A 203 16.86 8.69 13.95
C ILE A 203 17.15 9.58 12.75
N ARG A 204 18.10 9.18 11.92
CA ARG A 204 18.42 9.96 10.72
C ARG A 204 17.21 9.85 9.80
N PRO A 205 16.83 10.96 9.14
CA PRO A 205 15.66 10.91 8.26
C PRO A 205 15.71 9.91 7.11
N VAL A 206 14.53 9.54 6.61
CA VAL A 206 14.43 8.61 5.48
C VAL A 206 13.78 9.39 4.33
N ALA A 207 13.75 8.83 3.14
CA ALA A 207 13.18 9.55 2.00
C ALA A 207 11.70 9.21 1.71
N LYS A 208 11.23 8.10 2.24
CA LYS A 208 9.85 7.68 2.02
C LYS A 208 9.37 6.85 3.21
N ILE A 209 8.09 6.98 3.52
CA ILE A 209 7.48 6.26 4.64
C ILE A 209 6.30 5.43 4.14
N VAL A 210 6.28 4.14 4.46
CA VAL A 210 5.20 3.27 4.04
C VAL A 210 4.66 2.52 5.25
N GLY A 211 3.39 2.13 5.21
CA GLY A 211 2.81 1.39 6.32
C GLY A 211 1.60 2.08 6.92
N PRO A 212 0.41 1.47 6.83
CA PRO A 212 -0.80 2.07 7.40
C PRO A 212 -0.77 2.22 8.91
N GLY A 213 -1.47 3.23 9.41
CA GLY A 213 -1.52 3.48 10.85
C GLY A 213 -2.88 4.03 11.24
N ASN A 214 -3.03 4.48 12.48
CA ASN A 214 -4.31 5.04 12.92
C ASN A 214 -4.50 6.48 12.47
N ALA A 215 -5.56 7.12 12.99
CA ALA A 215 -5.90 8.49 12.65
C ALA A 215 -4.75 9.49 12.85
N TYR A 216 -3.96 9.29 13.90
CA TYR A 216 -2.84 10.19 14.18
C TYR A 216 -1.72 10.01 13.16
N VAL A 217 -1.49 8.77 12.77
CA VAL A 217 -0.46 8.45 11.79
C VAL A 217 -0.87 8.98 10.43
N ALA A 218 -2.13 8.72 10.05
CA ALA A 218 -2.63 9.16 8.77
C ALA A 218 -2.52 10.69 8.65
N ALA A 219 -2.98 11.40 9.67
CA ALA A 219 -2.90 12.86 9.61
C ALA A 219 -1.43 13.32 9.52
N ALA A 220 -0.54 12.66 10.26
CA ALA A 220 0.87 13.04 10.20
C ALA A 220 1.43 12.78 8.80
N LYS A 221 1.05 11.65 8.19
CA LYS A 221 1.54 11.35 6.86
C LYS A 221 1.08 12.43 5.86
N ARG A 222 -0.14 12.94 6.03
CA ARG A 222 -0.64 13.97 5.13
C ARG A 222 0.16 15.26 5.22
N ILE A 223 0.67 15.54 6.40
CA ILE A 223 1.43 16.74 6.63
C ILE A 223 2.83 16.63 6.00
N VAL A 224 3.51 15.52 6.26
CA VAL A 224 4.86 15.34 5.75
C VAL A 224 5.00 14.98 4.28
N PHE A 225 3.90 14.63 3.62
CA PHE A 225 3.92 14.29 2.20
C PHE A 225 4.52 15.50 1.45
N GLY A 226 5.55 15.26 0.64
CA GLY A 226 6.21 16.35 -0.06
C GLY A 226 7.63 16.47 0.48
N THR A 227 7.74 16.31 1.80
CA THR A 227 9.03 16.36 2.46
C THR A 227 9.62 14.95 2.28
N VAL A 228 8.73 13.95 2.35
CA VAL A 228 9.10 12.55 2.14
C VAL A 228 7.98 11.95 1.30
N GLY A 229 8.26 10.84 0.62
CA GLY A 229 7.20 10.23 -0.16
C GLY A 229 6.36 9.43 0.83
N ILE A 230 5.12 9.13 0.46
CA ILE A 230 4.30 8.31 1.34
C ILE A 230 3.52 7.39 0.43
N ASP A 231 3.23 6.18 0.90
CA ASP A 231 2.51 5.23 0.09
C ASP A 231 1.07 5.61 -0.22
N MET A 232 0.29 5.85 0.82
CA MET A 232 -1.12 6.20 0.68
C MET A 232 -1.67 6.26 2.08
N ILE A 233 -2.82 6.91 2.24
CA ILE A 233 -3.42 7.01 3.55
C ILE A 233 -4.41 5.86 3.70
N ALA A 234 -4.13 5.00 4.67
CA ALA A 234 -4.94 3.82 4.95
C ALA A 234 -6.44 4.11 5.04
N GLY A 235 -7.22 3.21 4.45
CA GLY A 235 -8.68 3.34 4.48
C GLY A 235 -9.24 2.01 4.97
N PRO A 236 -10.56 1.90 5.19
CA PRO A 236 -11.15 0.64 5.65
C PRO A 236 -10.96 -0.50 4.63
N SER A 237 -10.49 -1.65 5.14
CA SER A 237 -10.20 -2.87 4.36
C SER A 237 -11.45 -3.58 3.83
N GLU A 238 -11.35 -4.21 2.67
CA GLU A 238 -12.51 -4.91 2.10
C GLU A 238 -12.21 -6.08 1.15
N VAL A 239 -13.25 -6.90 0.93
CA VAL A 239 -13.16 -8.02 0.01
C VAL A 239 -14.50 -8.09 -0.72
N LEU A 240 -14.45 -8.23 -2.04
CA LEU A 240 -15.63 -8.36 -2.87
C LEU A 240 -15.55 -9.77 -3.43
N ILE A 241 -16.59 -10.58 -3.20
CA ILE A 241 -16.60 -11.93 -3.71
C ILE A 241 -17.71 -12.03 -4.74
N VAL A 242 -17.35 -12.39 -5.96
CA VAL A 242 -18.34 -12.55 -7.03
C VAL A 242 -18.41 -14.05 -7.25
N ALA A 243 -19.55 -14.66 -6.94
CA ALA A 243 -19.68 -16.11 -7.05
C ALA A 243 -21.05 -16.61 -7.46
N ASP A 244 -21.07 -17.72 -8.20
CA ASP A 244 -22.33 -18.34 -8.63
C ASP A 244 -22.68 -19.48 -7.67
N LYS A 245 -23.81 -20.14 -7.88
CA LYS A 245 -24.26 -21.22 -7.01
C LYS A 245 -23.36 -22.45 -6.93
N ASP A 246 -22.47 -22.59 -7.91
CA ASP A 246 -21.57 -23.73 -7.96
C ASP A 246 -20.33 -23.57 -7.10
N ASN A 247 -20.56 -23.22 -5.83
CA ASN A 247 -19.49 -23.04 -4.85
C ASN A 247 -19.98 -23.61 -3.53
N ASN A 248 -19.06 -23.89 -2.62
CA ASN A 248 -19.41 -24.40 -1.31
C ASN A 248 -19.72 -23.16 -0.47
N PRO A 249 -20.99 -23.01 -0.02
CA PRO A 249 -21.40 -21.86 0.78
C PRO A 249 -20.57 -21.64 2.04
N ASP A 250 -20.08 -22.73 2.64
CA ASP A 250 -19.25 -22.63 3.84
C ASP A 250 -17.91 -21.97 3.54
N TRP A 251 -17.35 -22.29 2.37
CA TRP A 251 -16.07 -21.74 1.96
C TRP A 251 -16.18 -20.24 1.74
N ILE A 252 -17.24 -19.84 1.03
CA ILE A 252 -17.49 -18.43 0.74
C ILE A 252 -17.73 -17.65 2.03
N ALA A 253 -18.48 -18.25 2.95
CA ALA A 253 -18.75 -17.59 4.21
C ALA A 253 -17.43 -17.40 4.95
N ALA A 254 -16.58 -18.43 4.94
CA ALA A 254 -15.29 -18.36 5.61
C ALA A 254 -14.43 -17.21 5.06
N ASP A 255 -14.46 -17.03 3.73
CA ASP A 255 -13.68 -15.98 3.09
C ASP A 255 -14.21 -14.61 3.51
N LEU A 256 -15.51 -14.48 3.64
CA LEU A 256 -16.11 -13.21 4.05
C LEU A 256 -15.73 -12.89 5.49
N LEU A 257 -15.77 -13.90 6.35
CA LEU A 257 -15.43 -13.72 7.77
C LEU A 257 -13.94 -13.49 8.03
N ALA A 258 -13.08 -14.06 7.19
CA ALA A 258 -11.64 -13.87 7.36
C ALA A 258 -11.36 -12.37 7.27
N GLN A 259 -11.96 -11.72 6.29
CA GLN A 259 -11.81 -10.29 6.06
C GLN A 259 -12.41 -9.50 7.23
N ALA A 260 -13.63 -9.87 7.60
CA ALA A 260 -14.32 -9.22 8.68
C ALA A 260 -13.57 -9.18 10.02
N GLU A 261 -12.79 -10.21 10.33
CA GLU A 261 -12.10 -10.24 11.63
C GLU A 261 -10.98 -9.23 11.78
N HIS A 262 -10.64 -8.58 10.68
CA HIS A 262 -9.55 -7.62 10.68
C HIS A 262 -9.84 -6.34 11.46
N ASP A 263 -11.00 -5.77 11.21
CA ASP A 263 -11.37 -4.50 11.81
C ASP A 263 -12.88 -4.43 11.86
N THR A 264 -13.43 -3.71 12.83
CA THR A 264 -14.88 -3.58 12.94
C THR A 264 -15.41 -2.79 11.76
N ALA A 265 -14.51 -2.11 11.04
CA ALA A 265 -14.88 -1.30 9.88
C ALA A 265 -14.57 -2.01 8.55
N ALA A 266 -14.09 -3.24 8.64
CA ALA A 266 -13.77 -4.01 7.45
C ALA A 266 -15.08 -4.30 6.73
N GLN A 267 -15.06 -4.37 5.41
CA GLN A 267 -16.28 -4.65 4.65
C GLN A 267 -16.18 -5.90 3.78
N SER A 268 -17.14 -6.81 3.92
CA SER A 268 -17.17 -8.02 3.12
C SER A 268 -18.44 -8.01 2.27
N ILE A 269 -18.28 -8.20 0.97
CA ILE A 269 -19.39 -8.16 0.05
C ILE A 269 -19.53 -9.36 -0.86
N LEU A 270 -20.74 -9.91 -0.94
CA LEU A 270 -21.03 -11.03 -1.81
C LEU A 270 -21.91 -10.54 -2.97
N MET A 271 -21.44 -10.73 -4.19
CA MET A 271 -22.22 -10.33 -5.35
C MET A 271 -22.53 -11.63 -6.08
N THR A 272 -23.81 -11.96 -6.17
CA THR A 272 -24.21 -13.20 -6.82
C THR A 272 -25.49 -13.06 -7.63
N ASN A 273 -25.77 -14.06 -8.45
CA ASN A 273 -26.94 -14.05 -9.33
C ASN A 273 -27.93 -15.12 -8.90
N ASP A 274 -27.74 -15.67 -7.71
CA ASP A 274 -28.59 -16.73 -7.18
C ASP A 274 -28.97 -16.40 -5.75
N GLU A 275 -30.20 -15.95 -5.52
CA GLU A 275 -30.64 -15.57 -4.18
C GLU A 275 -30.57 -16.70 -3.15
N ALA A 276 -30.96 -17.90 -3.54
CA ALA A 276 -30.93 -19.05 -2.63
C ALA A 276 -29.51 -19.25 -2.11
N PHE A 277 -28.54 -19.21 -3.03
CA PHE A 277 -27.14 -19.37 -2.69
C PHE A 277 -26.74 -18.27 -1.71
N ALA A 278 -27.19 -17.04 -1.97
CA ALA A 278 -26.89 -15.95 -1.06
C ALA A 278 -27.40 -16.33 0.33
N HIS A 279 -28.59 -16.94 0.38
CA HIS A 279 -29.14 -17.36 1.67
C HIS A 279 -28.28 -18.42 2.31
N ALA A 280 -27.81 -19.38 1.52
CA ALA A 280 -26.95 -20.44 2.03
C ALA A 280 -25.66 -19.85 2.62
N VAL A 281 -25.06 -18.89 1.92
CA VAL A 281 -23.84 -18.29 2.44
C VAL A 281 -24.11 -17.57 3.78
N GLU A 282 -25.23 -16.86 3.86
CA GLU A 282 -25.56 -16.14 5.10
C GLU A 282 -25.69 -17.09 6.27
N GLU A 283 -26.33 -18.23 6.03
CA GLU A 283 -26.51 -19.22 7.10
C GLU A 283 -25.16 -19.74 7.55
N ALA A 284 -24.25 -19.92 6.60
CA ALA A 284 -22.92 -20.42 6.92
C ALA A 284 -22.16 -19.37 7.74
N VAL A 285 -22.36 -18.09 7.41
CA VAL A 285 -21.68 -17.03 8.14
C VAL A 285 -22.15 -17.02 9.59
N GLU A 286 -23.44 -17.24 9.79
CA GLU A 286 -24.03 -17.26 11.12
C GLU A 286 -23.48 -18.40 11.95
N ARG A 287 -23.44 -19.59 11.35
CA ARG A 287 -22.93 -20.77 12.03
C ARG A 287 -21.46 -20.63 12.39
N GLN A 288 -20.63 -20.29 11.40
CA GLN A 288 -19.21 -20.14 11.64
C GLN A 288 -18.92 -19.06 12.65
N LEU A 289 -19.80 -18.07 12.70
CA LEU A 289 -19.63 -16.96 13.64
C LEU A 289 -19.71 -17.50 15.08
N HIS A 290 -20.16 -18.74 15.22
CA HIS A 290 -20.28 -19.37 16.54
C HIS A 290 -19.23 -20.45 16.80
N THR A 291 -18.77 -21.10 15.74
CA THR A 291 -17.77 -22.15 15.88
C THR A 291 -16.41 -21.51 16.17
N LEU A 292 -16.17 -20.33 15.57
CA LEU A 292 -14.92 -19.62 15.76
C LEU A 292 -14.98 -18.84 17.06
N ALA A 293 -13.81 -18.57 17.64
CA ALA A 293 -13.71 -17.82 18.88
C ALA A 293 -13.18 -16.43 18.57
N ARG A 294 -13.41 -15.49 19.47
CA ARG A 294 -12.96 -14.12 19.28
C ARG A 294 -13.67 -13.53 18.06
N THR A 295 -14.94 -13.86 17.91
CA THR A 295 -15.73 -13.37 16.79
C THR A 295 -16.36 -12.01 17.12
N GLU A 296 -15.73 -11.30 18.05
CA GLU A 296 -16.22 -9.99 18.46
C GLU A 296 -16.12 -8.98 17.32
N THR A 297 -14.96 -8.92 16.68
CA THR A 297 -14.74 -8.00 15.58
C THR A 297 -15.45 -8.45 14.30
N ALA A 298 -15.22 -9.70 13.91
CA ALA A 298 -15.84 -10.24 12.70
C ALA A 298 -17.35 -10.00 12.74
N SER A 299 -17.97 -10.41 13.84
CA SER A 299 -19.41 -10.23 14.02
C SER A 299 -19.81 -8.78 13.78
N ALA A 300 -19.10 -7.86 14.42
CA ALA A 300 -19.40 -6.44 14.26
C ALA A 300 -19.24 -5.98 12.81
N SER A 301 -18.19 -6.46 12.15
CA SER A 301 -17.91 -6.11 10.76
C SER A 301 -19.01 -6.59 9.80
N TRP A 302 -19.37 -7.86 9.93
CA TRP A 302 -20.40 -8.45 9.08
C TRP A 302 -21.76 -7.80 9.29
N ARG A 303 -22.14 -7.58 10.53
CA ARG A 303 -23.43 -6.97 10.86
C ARG A 303 -23.53 -5.55 10.33
N ASP A 304 -22.52 -4.75 10.65
CA ASP A 304 -22.48 -3.34 10.27
C ASP A 304 -22.07 -3.01 8.85
N PHE A 305 -21.24 -3.84 8.22
CA PHE A 305 -20.81 -3.53 6.86
C PHE A 305 -20.96 -4.64 5.81
N GLY A 306 -21.33 -5.85 6.24
CA GLY A 306 -21.52 -6.92 5.29
C GLY A 306 -22.63 -6.57 4.31
N ALA A 307 -22.62 -7.20 3.14
CA ALA A 307 -23.65 -6.93 2.15
C ALA A 307 -23.72 -7.97 1.04
N VAL A 308 -24.93 -8.16 0.51
CA VAL A 308 -25.16 -9.07 -0.60
C VAL A 308 -25.74 -8.19 -1.69
N ILE A 309 -25.24 -8.35 -2.90
CA ILE A 309 -25.74 -7.60 -4.03
C ILE A 309 -26.22 -8.65 -5.03
N LEU A 310 -27.51 -8.62 -5.34
CA LEU A 310 -28.09 -9.60 -6.26
C LEU A 310 -28.22 -9.05 -7.67
N VAL A 311 -27.62 -9.75 -8.62
CA VAL A 311 -27.69 -9.35 -10.02
C VAL A 311 -28.37 -10.47 -10.80
N LYS A 312 -28.78 -10.17 -12.03
CA LYS A 312 -29.45 -11.16 -12.87
C LYS A 312 -28.42 -12.10 -13.46
N ASP A 313 -27.29 -11.54 -13.87
CA ASP A 313 -26.21 -12.30 -14.45
C ASP A 313 -24.92 -11.55 -14.17
N PHE A 314 -23.78 -12.16 -14.44
CA PHE A 314 -22.51 -11.51 -14.17
C PHE A 314 -22.08 -10.41 -15.10
N GLU A 315 -22.72 -10.29 -16.26
CA GLU A 315 -22.40 -9.18 -17.14
C GLU A 315 -22.78 -7.94 -16.35
N ASP A 316 -23.86 -8.05 -15.55
CA ASP A 316 -24.34 -6.93 -14.75
C ASP A 316 -23.38 -6.65 -13.59
N ALA A 317 -22.72 -7.67 -13.11
CA ALA A 317 -21.80 -7.52 -11.99
C ALA A 317 -20.56 -6.71 -12.36
N ILE A 318 -20.21 -6.71 -13.63
CA ILE A 318 -19.01 -6.01 -14.08
C ILE A 318 -18.95 -4.52 -13.75
N PRO A 319 -19.95 -3.73 -14.19
CA PRO A 319 -19.86 -2.30 -13.86
C PRO A 319 -19.95 -2.04 -12.37
N LEU A 320 -20.70 -2.87 -11.66
CA LEU A 320 -20.85 -2.70 -10.22
C LEU A 320 -19.52 -3.01 -9.51
N ALA A 321 -18.85 -4.09 -9.93
CA ALA A 321 -17.56 -4.45 -9.34
C ALA A 321 -16.55 -3.33 -9.63
N ASN A 322 -16.62 -2.75 -10.82
CA ASN A 322 -15.69 -1.66 -11.14
C ASN A 322 -15.93 -0.43 -10.28
N ARG A 323 -17.17 -0.18 -9.87
CA ARG A 323 -17.43 0.98 -9.01
C ARG A 323 -16.99 0.67 -7.58
N ILE A 324 -17.15 -0.56 -7.16
CA ILE A 324 -16.73 -0.94 -5.81
C ILE A 324 -15.20 -0.82 -5.68
N ALA A 325 -14.48 -1.15 -6.75
CA ALA A 325 -13.01 -1.05 -6.77
C ALA A 325 -12.41 -1.62 -5.50
N ALA A 326 -12.72 -2.88 -5.25
CA ALA A 326 -12.28 -3.58 -4.06
C ALA A 326 -10.78 -3.79 -3.94
N GLU A 327 -10.28 -3.79 -2.70
CA GLU A 327 -8.88 -4.05 -2.39
C GLU A 327 -8.58 -5.50 -2.84
N HIS A 328 -9.47 -6.42 -2.46
CA HIS A 328 -9.35 -7.83 -2.82
C HIS A 328 -10.64 -8.26 -3.53
N LEU A 329 -10.50 -8.97 -4.64
CA LEU A 329 -11.66 -9.44 -5.39
C LEU A 329 -11.50 -10.95 -5.66
N GLU A 330 -12.42 -11.75 -5.12
CA GLU A 330 -12.40 -13.20 -5.35
C GLU A 330 -13.44 -13.46 -6.43
N ILE A 331 -13.03 -14.13 -7.50
CA ILE A 331 -13.94 -14.43 -8.59
C ILE A 331 -14.16 -15.95 -8.61
N ALA A 332 -15.34 -16.39 -8.18
CA ALA A 332 -15.66 -17.81 -8.14
C ALA A 332 -16.91 -18.11 -8.96
N VAL A 333 -16.76 -18.07 -10.28
CA VAL A 333 -17.87 -18.35 -11.17
C VAL A 333 -17.28 -19.17 -12.31
N ALA A 334 -18.14 -19.78 -13.12
CA ALA A 334 -17.67 -20.58 -14.24
C ALA A 334 -17.01 -19.63 -15.25
N ASP A 335 -15.95 -20.09 -15.89
CA ASP A 335 -15.26 -19.27 -16.87
C ASP A 335 -14.77 -17.98 -16.21
N ALA A 336 -14.24 -18.13 -15.00
CA ALA A 336 -13.72 -17.01 -14.23
C ALA A 336 -12.69 -16.17 -14.98
N GLU A 337 -11.74 -16.81 -15.65
CA GLU A 337 -10.71 -16.08 -16.38
C GLU A 337 -11.28 -15.04 -17.35
N ALA A 338 -12.46 -15.31 -17.89
CA ALA A 338 -13.10 -14.39 -18.82
C ALA A 338 -13.53 -13.06 -18.20
N PHE A 339 -13.67 -13.03 -16.88
CA PHE A 339 -14.06 -11.80 -16.22
C PHE A 339 -12.89 -10.95 -15.75
N VAL A 340 -11.76 -11.59 -15.54
CA VAL A 340 -10.58 -10.87 -15.08
C VAL A 340 -10.29 -9.60 -15.88
N PRO A 341 -10.26 -9.68 -17.22
CA PRO A 341 -9.98 -8.48 -18.01
C PRO A 341 -11.09 -7.44 -17.98
N ARG A 342 -12.32 -7.90 -17.79
CA ARG A 342 -13.49 -7.01 -17.75
C ARG A 342 -13.54 -6.17 -16.46
N ILE A 343 -13.00 -6.69 -15.36
CA ILE A 343 -13.04 -5.98 -14.10
C ILE A 343 -11.72 -5.30 -13.89
N ARG A 344 -11.63 -4.07 -14.39
CA ARG A 344 -10.41 -3.27 -14.33
C ARG A 344 -10.01 -2.65 -13.00
N ASN A 345 -10.95 -2.39 -12.11
CA ASN A 345 -10.62 -1.81 -10.83
C ASN A 345 -10.65 -2.83 -9.69
N ALA A 346 -9.47 -3.28 -9.30
CA ALA A 346 -9.31 -4.24 -8.22
C ALA A 346 -7.82 -4.26 -7.86
N GLY A 347 -7.50 -4.21 -6.58
CA GLY A 347 -6.12 -4.25 -6.14
C GLY A 347 -5.49 -5.59 -6.46
N SER A 348 -6.19 -6.66 -6.07
CA SER A 348 -5.73 -8.03 -6.34
C SER A 348 -6.96 -8.87 -6.67
N ILE A 349 -6.79 -9.82 -7.58
CA ILE A 349 -7.88 -10.68 -7.97
C ILE A 349 -7.47 -12.11 -7.64
N PHE A 350 -8.36 -12.86 -6.99
CA PHE A 350 -8.09 -14.24 -6.60
C PHE A 350 -9.07 -15.09 -7.41
N ILE A 351 -8.51 -16.02 -8.19
CA ILE A 351 -9.29 -16.81 -9.13
C ILE A 351 -9.59 -18.24 -8.75
N GLY A 352 -10.88 -18.59 -8.73
CA GLY A 352 -11.26 -19.94 -8.42
C GLY A 352 -11.58 -20.24 -6.96
N GLY A 353 -12.11 -21.43 -6.72
CA GLY A 353 -12.48 -21.80 -5.37
C GLY A 353 -11.34 -22.15 -4.44
N TYR A 354 -10.18 -22.45 -5.00
CA TYR A 354 -9.04 -22.81 -4.16
C TYR A 354 -8.08 -21.67 -3.89
N THR A 355 -8.51 -20.43 -4.18
CA THR A 355 -7.66 -19.29 -3.95
C THR A 355 -8.27 -18.32 -2.96
N PRO A 356 -8.31 -18.70 -1.67
CA PRO A 356 -8.91 -17.76 -0.71
C PRO A 356 -7.95 -16.57 -0.67
N GLU A 357 -8.49 -15.38 -0.48
CA GLU A 357 -7.66 -14.19 -0.44
C GLU A 357 -6.57 -14.32 0.64
N VAL A 358 -6.89 -15.01 1.73
CA VAL A 358 -5.94 -15.22 2.81
C VAL A 358 -4.58 -15.71 2.31
N ILE A 359 -4.58 -16.52 1.25
CA ILE A 359 -3.32 -17.03 0.71
C ILE A 359 -2.45 -15.88 0.22
N GLY A 360 -3.09 -14.84 -0.32
CA GLY A 360 -2.37 -13.69 -0.82
C GLY A 360 -1.81 -12.84 0.30
N ASP A 361 -2.49 -12.81 1.43
CA ASP A 361 -2.02 -12.04 2.57
C ASP A 361 -0.68 -12.60 3.03
N TYR A 362 -0.51 -13.91 2.85
CA TYR A 362 0.65 -14.62 3.36
C TYR A 362 1.73 -15.21 2.49
N VAL A 363 1.37 -16.13 1.61
CA VAL A 363 2.39 -16.84 0.86
C VAL A 363 2.31 -16.88 -0.64
N GLY A 364 1.29 -16.26 -1.23
CA GLY A 364 1.19 -16.29 -2.68
C GLY A 364 2.43 -15.71 -3.32
N GLY A 365 2.81 -14.52 -2.87
CA GLY A 365 3.96 -13.86 -3.43
C GLY A 365 3.67 -12.39 -3.70
N SER A 366 2.45 -12.10 -4.13
CA SER A 366 2.05 -10.74 -4.42
C SER A 366 2.00 -9.99 -3.08
N ASN A 367 1.99 -8.65 -3.12
CA ASN A 367 1.97 -7.87 -1.89
C ASN A 367 0.57 -7.62 -1.34
N HIS A 368 0.40 -7.83 -0.04
CA HIS A 368 -0.90 -7.64 0.59
C HIS A 368 -1.15 -6.19 1.01
N VAL A 369 -0.17 -5.31 0.79
CA VAL A 369 -0.37 -3.91 1.11
C VAL A 369 -1.06 -3.41 -0.15
N LEU A 370 -2.38 -3.32 -0.06
CA LEU A 370 -3.18 -2.96 -1.21
C LEU A 370 -4.03 -1.72 -1.07
N PRO A 371 -4.44 -1.14 -2.21
CA PRO A 371 -5.28 0.06 -2.23
C PRO A 371 -6.66 -0.26 -1.65
N THR A 372 -7.07 0.54 -0.66
CA THR A 372 -8.35 0.38 0.05
C THR A 372 -9.32 1.57 -0.14
N ALA A 373 -10.56 1.41 0.29
CA ALA A 373 -11.53 2.49 0.20
C ALA A 373 -11.66 3.10 -1.20
N ARG A 374 -11.88 2.23 -2.19
CA ARG A 374 -12.04 2.63 -3.58
C ARG A 374 -10.76 3.19 -4.21
N SER A 375 -9.64 3.17 -3.49
CA SER A 375 -8.42 3.71 -4.09
C SER A 375 -7.90 2.86 -5.25
N ALA A 376 -8.45 1.67 -5.43
CA ALA A 376 -8.04 0.82 -6.56
C ALA A 376 -8.45 1.48 -7.87
N ARG A 377 -9.24 2.56 -7.82
CA ARG A 377 -9.63 3.25 -9.05
C ARG A 377 -8.41 4.00 -9.56
N PHE A 378 -7.43 4.21 -8.68
CA PHE A 378 -6.27 5.00 -9.11
C PHE A 378 -4.90 4.56 -8.61
N SER A 379 -4.85 3.57 -7.75
CA SER A 379 -3.55 3.13 -7.25
C SER A 379 -3.38 1.64 -7.30
N SER A 380 -2.13 1.22 -7.14
CA SER A 380 -1.78 -0.17 -7.18
C SER A 380 -1.31 -0.58 -5.78
N GLY A 381 -1.22 -1.89 -5.56
CA GLY A 381 -0.70 -2.34 -4.29
C GLY A 381 0.81 -2.08 -4.31
N LEU A 382 1.45 -2.19 -3.16
CA LEU A 382 2.89 -1.97 -3.04
C LEU A 382 3.70 -2.87 -3.99
N SER A 383 4.72 -2.33 -4.63
CA SER A 383 5.58 -3.13 -5.52
C SER A 383 6.99 -2.51 -5.45
N VAL A 384 7.98 -3.19 -6.02
CA VAL A 384 9.33 -2.64 -5.97
C VAL A 384 9.35 -1.22 -6.54
N LEU A 385 8.43 -0.91 -7.46
CA LEU A 385 8.44 0.42 -8.05
C LEU A 385 8.21 1.51 -7.01
N ASP A 386 7.53 1.17 -5.91
CA ASP A 386 7.27 2.15 -4.89
C ASP A 386 8.51 2.53 -4.09
N TYR A 387 9.56 1.73 -4.25
CA TYR A 387 10.82 1.94 -3.55
C TYR A 387 11.94 2.37 -4.48
N MET A 388 11.57 2.82 -5.67
CA MET A 388 12.54 3.23 -6.69
C MET A 388 12.01 4.46 -7.41
N LYS A 389 12.85 5.09 -8.22
CA LYS A 389 12.41 6.26 -8.97
C LYS A 389 13.15 6.30 -10.30
N ARG A 390 12.50 6.92 -11.27
CA ARG A 390 13.01 7.03 -12.62
C ARG A 390 13.62 8.40 -12.87
N THR A 391 14.73 8.41 -13.57
CA THR A 391 15.37 9.66 -13.93
C THR A 391 15.36 9.69 -15.47
N SER A 392 15.00 10.83 -16.05
CA SER A 392 14.98 10.98 -17.51
C SER A 392 16.37 11.45 -17.93
N LEU A 393 16.84 11.00 -19.10
CA LEU A 393 18.16 11.38 -19.61
C LEU A 393 17.92 11.93 -21.02
N LEU A 394 18.59 13.01 -21.35
CA LEU A 394 18.44 13.60 -22.66
C LEU A 394 19.79 14.16 -23.10
N LYS A 395 20.15 13.91 -24.36
CA LYS A 395 21.39 14.44 -24.87
C LYS A 395 21.18 14.86 -26.32
N LEU A 396 21.42 16.13 -26.60
CA LEU A 396 21.31 16.65 -27.95
C LEU A 396 22.69 17.08 -28.44
N GLY A 397 22.95 16.81 -29.72
CA GLY A 397 24.20 17.24 -30.33
C GLY A 397 23.84 18.52 -31.06
N SER A 398 24.82 19.18 -31.68
CA SER A 398 24.54 20.43 -32.39
C SER A 398 23.47 20.28 -33.46
N GLU A 399 23.50 19.16 -34.20
CA GLU A 399 22.50 18.93 -35.24
C GLU A 399 21.10 18.84 -34.65
N GLN A 400 20.99 18.14 -33.53
CA GLN A 400 19.68 17.99 -32.92
C GLN A 400 19.12 19.32 -32.42
N LEU A 401 19.95 20.14 -31.79
CA LEU A 401 19.51 21.42 -31.28
C LEU A 401 19.10 22.31 -32.45
N ARG A 402 19.84 22.19 -33.55
CA ARG A 402 19.53 22.97 -34.73
C ARG A 402 18.15 22.53 -35.25
N ALA A 403 17.86 21.24 -35.14
CA ALA A 403 16.59 20.70 -35.62
C ALA A 403 15.37 20.97 -34.73
N LEU A 404 15.55 20.90 -33.40
CA LEU A 404 14.44 21.10 -32.48
C LEU A 404 14.40 22.47 -31.79
N GLY A 405 15.50 23.20 -31.85
CA GLY A 405 15.58 24.50 -31.20
C GLY A 405 14.58 25.55 -31.63
N PRO A 406 14.39 25.75 -32.94
CA PRO A 406 13.43 26.75 -33.41
C PRO A 406 12.04 26.53 -32.82
N ALA A 407 11.59 25.29 -32.80
CA ALA A 407 10.27 24.99 -32.25
C ALA A 407 10.25 25.36 -30.76
N ALA A 408 11.31 25.01 -30.05
CA ALA A 408 11.39 25.34 -28.63
C ALA A 408 11.27 26.85 -28.44
N ILE A 409 12.09 27.60 -29.17
CA ILE A 409 12.09 29.06 -29.09
C ILE A 409 10.70 29.64 -29.37
N GLU A 410 10.03 29.11 -30.39
CA GLU A 410 8.70 29.59 -30.75
C GLU A 410 7.71 29.47 -29.59
N ILE A 411 7.69 28.29 -28.95
CA ILE A 411 6.79 28.08 -27.83
C ILE A 411 7.20 28.98 -26.65
N ALA A 412 8.49 29.05 -26.34
CA ALA A 412 8.95 29.89 -25.24
C ALA A 412 8.48 31.33 -25.41
N ARG A 413 8.70 31.87 -26.61
CA ARG A 413 8.26 33.25 -26.85
C ARG A 413 6.73 33.36 -26.75
N ALA A 414 5.99 32.39 -27.26
CA ALA A 414 4.53 32.46 -27.15
C ALA A 414 4.13 32.40 -25.67
N GLU A 415 5.00 31.85 -24.81
CA GLU A 415 4.70 31.77 -23.39
C GLU A 415 5.26 32.98 -22.61
N GLY A 416 5.92 33.88 -23.33
CA GLY A 416 6.50 35.05 -22.70
C GLY A 416 7.74 34.77 -21.88
N LEU A 417 8.35 33.61 -22.09
CA LEU A 417 9.56 33.22 -21.34
C LEU A 417 10.81 33.52 -22.18
N ASP A 418 11.18 34.78 -22.24
CA ASP A 418 12.32 35.18 -23.04
C ASP A 418 13.67 34.59 -22.61
N ALA A 419 13.87 34.36 -21.32
CA ALA A 419 15.12 33.76 -20.86
C ALA A 419 15.17 32.32 -21.40
N HIS A 420 14.03 31.63 -21.41
CA HIS A 420 13.97 30.27 -21.93
C HIS A 420 14.35 30.26 -23.39
N ALA A 421 13.77 31.17 -24.16
CA ALA A 421 14.06 31.25 -25.58
C ALA A 421 15.53 31.57 -25.82
N GLN A 422 16.09 32.44 -24.99
CA GLN A 422 17.48 32.85 -25.15
C GLN A 422 18.49 31.73 -24.87
N SER A 423 18.17 30.82 -23.96
CA SER A 423 19.11 29.75 -23.67
C SER A 423 19.26 28.87 -24.91
N VAL A 424 18.23 28.82 -25.76
CA VAL A 424 18.32 28.05 -26.99
C VAL A 424 18.92 28.94 -28.09
N ALA A 425 18.33 30.13 -28.23
CA ALA A 425 18.77 31.09 -29.23
C ALA A 425 20.28 31.40 -29.17
N ILE A 426 20.81 31.59 -27.97
CA ILE A 426 22.23 31.92 -27.80
C ILE A 426 23.15 30.86 -28.40
N ARG A 427 22.66 29.62 -28.43
CA ARG A 427 23.42 28.51 -28.98
C ARG A 427 23.22 28.46 -30.50
N LEU A 428 21.97 28.60 -30.94
CA LEU A 428 21.64 28.57 -32.36
C LEU A 428 22.26 29.70 -33.16
N ASN A 429 22.29 30.90 -32.58
CA ASN A 429 22.86 32.05 -33.27
C ASN A 429 24.27 31.73 -33.75
N LEU A 430 25.07 31.18 -32.85
CA LEU A 430 26.43 30.81 -33.17
C LEU A 430 26.45 29.64 -34.18
N LEU A 431 25.67 28.60 -33.87
CA LEU A 431 25.58 27.39 -34.69
C LEU A 431 25.14 27.64 -36.14
N GLU A 432 24.10 28.45 -36.31
CA GLU A 432 23.52 28.76 -37.62
C GLU A 432 24.52 29.15 -38.71
N HIS A 433 25.65 29.71 -38.31
CA HIS A 433 26.64 30.15 -39.27
C HIS A 433 27.33 28.99 -39.99
N HIS A 434 26.98 27.77 -39.58
CA HIS A 434 27.54 26.58 -40.21
C HIS A 434 26.45 25.88 -41.03
N HIS A 435 25.24 26.43 -41.00
CA HIS A 435 24.10 25.85 -41.73
C HIS A 435 23.46 26.79 -42.75
N HIS A 436 24.28 27.54 -43.51
CA HIS A 436 23.73 28.45 -44.50
C HIS A 436 23.49 27.82 -45.86
N HIS A 437 23.73 26.51 -45.96
CA HIS A 437 23.53 25.80 -47.22
C HIS A 437 22.11 25.22 -47.27
N HIS A 438 21.45 25.19 -46.12
CA HIS A 438 20.08 24.68 -46.04
C HIS A 438 19.31 25.38 -44.93
#